data_5B60
#
_entry.id   5B60
#
_cell.length_a   68.550
_cell.length_b   66.110
_cell.length_c   69.060
_cell.angle_alpha   90.00
_cell.angle_beta   101.00
_cell.angle_gamma   90.00
#
_symmetry.space_group_name_H-M   'C 1 2 1'
#
loop_
_entity.id
_entity.type
_entity.pdbx_description
1 polymer 'PtLCIB4 S47R mutant'
2 non-polymer 'ZINC ION'
3 non-polymer 'CHLORIDE ION'
4 water water
#
_entity_poly.entity_id   1
_entity_poly.type   'polypeptide(L)'
_entity_poly.pdbx_seq_one_letter_code
;MGHHHHHHSQDPNSNVTLTAVKKAFPDALTNAELVAMVSKRLSQFGYHKYNTLLATSLCRDEVTRPLEQDFGEVYGKHFT
MGGLAGFPFGGLTGFGAMAGHIPDGGSCLLIYGSHVGVSWEGKWGTVARRGREKGGACCGSAVAAAQAVTQAYQATLDES
SSSSSSSATSTPVYRYSNDPLDAQQGYVRDMLRPYAATLSEAEDVMVTLPVSVYDAQQKLVTRILDEGSNHIDGDGQIAV
VGGIQINTPKEMSDFFVVRRFCIRDSSGNMVENFMPLTAGRE
;
_entity_poly.pdbx_strand_id   A
#
loop_
_chem_comp.id
_chem_comp.type
_chem_comp.name
_chem_comp.formula
CL non-polymer 'CHLORIDE ION' 'Cl -1'
ZN non-polymer 'ZINC ION' 'Zn 2'
#
# COMPACT_ATOMS: atom_id res chain seq x y z
N VAL A 16 21.79 11.83 -4.95
CA VAL A 16 20.65 12.29 -4.18
C VAL A 16 19.53 11.28 -4.35
N THR A 17 18.63 11.26 -3.37
CA THR A 17 17.54 10.30 -3.34
C THR A 17 16.44 10.71 -4.32
N LEU A 18 16.23 12.02 -4.42
CA LEU A 18 15.24 12.60 -5.32
C LEU A 18 15.45 12.11 -6.75
N THR A 19 16.69 12.17 -7.21
CA THR A 19 17.05 11.70 -8.54
C THR A 19 16.73 10.23 -8.67
N ALA A 20 17.08 9.46 -7.64
CA ALA A 20 16.84 8.03 -7.65
C ALA A 20 15.34 7.73 -7.78
N VAL A 21 14.53 8.40 -6.96
CA VAL A 21 13.08 8.20 -6.99
C VAL A 21 12.49 8.57 -8.34
N LYS A 22 12.81 9.78 -8.80
CA LYS A 22 12.24 10.31 -10.05
C LYS A 22 12.60 9.43 -11.24
N LYS A 23 13.75 8.77 -11.15
CA LYS A 23 14.19 7.83 -12.19
C LYS A 23 13.26 6.64 -12.28
N ALA A 24 13.29 5.80 -11.25
CA ALA A 24 12.46 4.60 -11.20
C ALA A 24 10.98 4.89 -11.35
N PHE A 25 10.53 5.99 -10.76
CA PHE A 25 9.11 6.30 -10.62
C PHE A 25 8.82 7.78 -10.84
N PRO A 26 8.83 8.22 -12.09
CA PRO A 26 8.69 9.64 -12.44
C PRO A 26 7.34 10.25 -12.03
N ASP A 27 6.35 9.41 -11.78
CA ASP A 27 5.01 9.88 -11.41
C ASP A 27 4.81 9.95 -9.89
N ALA A 28 5.87 9.70 -9.12
CA ALA A 28 5.78 9.72 -7.67
C ALA A 28 5.35 11.07 -7.11
N LEU A 29 4.39 11.06 -6.19
CA LEU A 29 3.96 12.27 -5.54
C LEU A 29 4.49 12.25 -4.14
N THR A 30 4.59 13.40 -3.51
CA THR A 30 5.04 13.47 -2.15
C THR A 30 3.85 13.12 -1.31
N ASN A 31 4.04 12.83 -0.05
CA ASN A 31 2.92 12.50 0.80
C ASN A 31 1.94 13.64 0.81
N ALA A 32 2.43 14.85 0.99
CA ALA A 32 1.60 16.05 1.03
C ALA A 32 0.80 16.20 -0.25
N GLU A 33 1.48 16.05 -1.38
CA GLU A 33 0.81 16.08 -2.68
C GLU A 33 -0.25 15.01 -2.80
N LEU A 34 0.07 13.81 -2.31
CA LEU A 34 -0.87 12.69 -2.37
C LEU A 34 -2.12 13.01 -1.58
N VAL A 35 -1.94 13.50 -0.35
CA VAL A 35 -3.06 13.77 0.52
C VAL A 35 -3.90 14.93 -0.01
N ALA A 36 -3.24 15.97 -0.52
CA ALA A 36 -3.94 17.12 -1.11
C ALA A 36 -4.75 16.67 -2.32
N MET A 37 -4.09 15.92 -3.18
CA MET A 37 -4.73 15.37 -4.33
C MET A 37 -6.00 14.65 -3.97
N VAL A 38 -5.89 13.63 -3.12
CA VAL A 38 -6.99 12.76 -2.70
C VAL A 38 -8.11 13.40 -1.91
N SER A 39 -7.77 14.20 -0.93
CA SER A 39 -8.79 14.86 -0.13
C SER A 39 -9.68 15.73 -1.02
N LYS A 40 -9.04 16.50 -1.91
CA LYS A 40 -9.75 17.41 -2.82
C LYS A 40 -10.80 16.66 -3.64
N ARG A 41 -10.33 15.67 -4.39
CA ARG A 41 -11.19 14.83 -5.21
C ARG A 41 -12.33 14.17 -4.43
N LEU A 42 -12.02 13.63 -3.26
CA LEU A 42 -13.02 12.91 -2.50
C LEU A 42 -13.99 13.91 -1.83
N SER A 43 -13.57 15.18 -1.74
CA SER A 43 -14.46 16.20 -1.21
C SER A 43 -15.77 16.25 -1.98
N GLN A 44 -15.66 16.24 -3.32
CA GLN A 44 -16.80 16.27 -4.24
C GLN A 44 -17.74 15.06 -4.12
N PHE A 45 -17.38 14.12 -3.26
CA PHE A 45 -18.15 12.88 -3.13
C PHE A 45 -18.62 12.63 -1.71
N GLY A 46 -18.48 13.63 -0.84
CA GLY A 46 -19.04 13.57 0.51
C GLY A 46 -18.07 13.16 1.59
N TYR A 47 -16.80 13.07 1.22
CA TYR A 47 -15.77 12.65 2.16
C TYR A 47 -15.25 13.86 2.95
N HIS A 48 -15.50 13.87 4.26
CA HIS A 48 -14.99 14.94 5.12
C HIS A 48 -14.29 14.33 6.33
N LYS A 49 -13.86 15.16 7.28
CA LYS A 49 -12.94 14.67 8.31
C LYS A 49 -13.57 13.70 9.31
N TYR A 50 -14.83 13.89 9.67
CA TYR A 50 -15.38 13.10 10.76
C TYR A 50 -16.47 12.13 10.30
N ASN A 51 -16.75 12.09 9.01
CA ASN A 51 -17.66 11.08 8.48
C ASN A 51 -16.90 10.00 7.71
N THR A 52 -15.58 10.00 7.82
CA THR A 52 -14.78 9.14 6.98
C THR A 52 -13.90 8.18 7.78
N LEU A 53 -14.03 6.89 7.48
CA LEU A 53 -13.11 5.90 8.00
C LEU A 53 -11.89 5.77 7.12
N LEU A 54 -10.73 6.16 7.62
CA LEU A 54 -9.47 5.91 6.96
C LEU A 54 -8.96 4.51 7.34
N ALA A 55 -9.01 3.59 6.39
CA ALA A 55 -8.42 2.28 6.61
C ALA A 55 -7.11 2.17 5.86
N THR A 56 -6.09 1.61 6.49
CA THR A 56 -4.88 1.35 5.73
C THR A 56 -4.54 -0.14 5.64
N SER A 57 -3.88 -0.51 4.54
CA SER A 57 -3.30 -1.83 4.43
C SER A 57 -1.84 -1.66 4.00
N LEU A 58 -1.01 -1.19 4.91
CA LEU A 58 0.40 -0.94 4.66
C LEU A 58 1.15 -1.89 5.56
N CYS A 59 2.42 -2.13 5.24
CA CYS A 59 3.31 -2.91 6.08
C CYS A 59 3.41 -2.22 7.41
N ARG A 60 3.66 -3.03 8.43
CA ARG A 60 3.58 -2.59 9.82
C ARG A 60 4.94 -2.16 10.38
N ASP A 61 5.96 -2.22 9.53
CA ASP A 61 7.23 -1.57 9.87
C ASP A 61 6.92 -0.11 10.14
N GLU A 62 7.57 0.49 11.15
CA GLU A 62 7.32 1.90 11.50
C GLU A 62 7.66 2.95 10.46
N VAL A 63 8.42 2.60 9.44
CA VAL A 63 8.74 3.60 8.43
C VAL A 63 7.51 3.99 7.60
N THR A 64 6.46 3.16 7.64
CA THR A 64 5.27 3.39 6.84
C THR A 64 4.29 4.37 7.50
N ARG A 65 4.56 4.68 8.75
CA ARG A 65 3.73 5.58 9.56
C ARG A 65 3.44 6.96 8.97
N PRO A 66 4.44 7.59 8.35
CA PRO A 66 4.19 8.94 7.81
C PRO A 66 2.97 9.07 6.88
N LEU A 67 2.72 8.12 6.01
CA LEU A 67 1.54 8.22 5.18
C LEU A 67 0.26 8.24 6.00
N GLU A 68 0.11 7.33 6.95
CA GLU A 68 -1.08 7.32 7.78
C GLU A 68 -1.17 8.59 8.56
N GLN A 69 -0.06 9.07 9.09
CA GLN A 69 -0.09 10.28 9.86
C GLN A 69 -0.64 11.45 9.08
N ASP A 70 -0.14 11.66 7.87
CA ASP A 70 -0.54 12.73 6.96
C ASP A 70 -2.02 12.62 6.58
N PHE A 71 -2.47 11.41 6.31
CA PHE A 71 -3.87 11.20 5.99
C PHE A 71 -4.72 11.32 7.24
N GLY A 72 -4.16 10.93 8.39
CA GLY A 72 -4.83 11.08 9.66
C GLY A 72 -5.24 12.51 10.01
N GLU A 73 -4.46 13.51 9.59
CA GLU A 73 -4.80 14.89 9.94
C GLU A 73 -6.09 15.33 9.22
N VAL A 74 -6.28 14.82 8.02
CA VAL A 74 -7.44 15.14 7.18
C VAL A 74 -8.66 14.28 7.49
N TYR A 75 -8.44 13.01 7.82
CA TYR A 75 -9.54 12.13 8.20
C TYR A 75 -9.40 11.64 9.64
N GLY A 76 -10.46 11.83 10.39
CA GLY A 76 -10.44 11.63 11.82
C GLY A 76 -10.04 10.23 12.23
N LYS A 77 -11.02 9.35 12.34
CA LYS A 77 -10.71 8.00 12.84
C LYS A 77 -10.04 7.14 11.77
N HIS A 78 -9.21 6.22 12.26
CA HIS A 78 -8.30 5.42 11.44
C HIS A 78 -8.39 3.96 11.86
N PHE A 79 -8.12 3.05 10.92
CA PHE A 79 -8.17 1.60 11.15
C PHE A 79 -7.00 0.94 10.40
N THR A 80 -6.08 0.27 11.10
CA THR A 80 -5.01 -0.43 10.37
C THR A 80 -5.50 -1.81 9.98
N MET A 81 -5.55 -2.08 8.67
CA MET A 81 -5.95 -3.40 8.18
C MET A 81 -4.76 -4.14 7.60
N GLY A 82 -3.57 -3.58 7.77
CA GLY A 82 -2.41 -4.06 7.05
C GLY A 82 -1.68 -5.16 7.78
N GLY A 83 -1.26 -6.17 7.05
CA GLY A 83 -0.42 -7.21 7.62
C GLY A 83 0.99 -7.08 7.07
N LEU A 84 1.71 -8.20 7.08
CA LEU A 84 3.08 -8.21 6.59
C LEU A 84 3.11 -7.76 5.13
N ALA A 85 4.10 -6.94 4.82
CA ALA A 85 4.35 -6.42 3.47
C ALA A 85 3.26 -5.47 2.95
N GLY A 86 2.18 -5.26 3.72
CA GLY A 86 1.08 -4.43 3.29
C GLY A 86 -0.14 -5.24 2.83
N PHE A 87 -0.04 -6.56 2.88
CA PHE A 87 -1.17 -7.41 2.50
C PHE A 87 -2.32 -7.39 3.51
N PRO A 88 -3.55 -7.25 3.02
CA PRO A 88 -4.76 -7.20 3.85
C PRO A 88 -5.18 -8.61 4.20
N PHE A 89 -4.33 -9.37 4.87
CA PHE A 89 -4.66 -10.79 4.97
C PHE A 89 -5.71 -11.10 6.02
N GLY A 90 -6.32 -10.06 6.59
CA GLY A 90 -7.48 -10.28 7.42
C GLY A 90 -8.59 -10.83 6.54
N GLY A 91 -8.44 -10.64 5.23
CA GLY A 91 -9.36 -11.18 4.25
C GLY A 91 -10.76 -10.62 4.34
N LEU A 92 -11.74 -11.43 3.97
CA LEU A 92 -13.13 -11.01 4.01
C LEU A 92 -13.65 -10.82 5.44
N THR A 93 -13.22 -11.65 6.37
CA THR A 93 -13.65 -11.49 7.75
C THR A 93 -13.08 -10.20 8.31
N GLY A 94 -11.82 -9.95 8.03
CA GLY A 94 -11.17 -8.76 8.49
C GLY A 94 -11.81 -7.55 7.90
N PHE A 95 -12.32 -7.68 6.71
CA PHE A 95 -12.96 -6.58 6.10
C PHE A 95 -14.28 -6.32 6.83
N GLY A 96 -14.96 -7.35 7.25
CA GLY A 96 -16.23 -7.23 7.93
C GLY A 96 -16.03 -6.45 9.22
N ALA A 97 -14.89 -6.69 9.86
CA ALA A 97 -14.55 -5.95 11.06
C ALA A 97 -14.42 -4.47 10.75
N MET A 98 -13.69 -4.12 9.71
CA MET A 98 -13.49 -2.74 9.32
C MET A 98 -14.77 -2.01 9.08
N ALA A 99 -15.66 -2.63 8.39
CA ALA A 99 -16.93 -2.00 8.06
C ALA A 99 -17.64 -1.49 9.31
N GLY A 100 -17.40 -2.12 10.45
CA GLY A 100 -18.03 -1.71 11.69
C GLY A 100 -17.45 -0.44 12.27
N HIS A 101 -16.27 -0.05 11.82
CA HIS A 101 -15.62 1.16 12.31
C HIS A 101 -16.10 2.39 11.54
N ILE A 102 -16.93 2.17 10.52
CA ILE A 102 -17.37 3.26 9.68
C ILE A 102 -18.42 4.08 10.42
N PRO A 103 -18.15 5.39 10.59
CA PRO A 103 -19.07 6.31 11.27
C PRO A 103 -20.49 6.30 10.72
N ASP A 104 -21.45 6.72 11.55
CA ASP A 104 -22.84 6.92 11.15
C ASP A 104 -22.94 7.71 9.84
N GLY A 105 -23.61 7.12 8.85
CA GLY A 105 -23.78 7.76 7.56
C GLY A 105 -22.44 8.02 6.90
N GLY A 106 -21.43 7.23 7.27
CA GLY A 106 -20.08 7.48 6.82
C GLY A 106 -19.66 6.66 5.61
N SER A 107 -18.49 6.99 5.08
CA SER A 107 -17.91 6.20 4.00
C SER A 107 -16.48 5.80 4.36
N CYS A 108 -15.89 4.97 3.54
CA CYS A 108 -14.55 4.51 3.86
C CYS A 108 -13.56 4.87 2.77
N LEU A 109 -12.37 5.27 3.20
CA LEU A 109 -11.20 5.42 2.35
C LEU A 109 -10.14 4.36 2.66
N LEU A 110 -9.83 3.52 1.69
CA LEU A 110 -8.82 2.44 1.86
C LEU A 110 -7.54 2.80 1.16
N ILE A 111 -6.48 3.11 1.92
CA ILE A 111 -5.16 3.26 1.34
C ILE A 111 -4.38 1.95 1.51
N TYR A 112 -4.00 1.32 0.41
CA TYR A 112 -3.13 0.15 0.52
C TYR A 112 -1.93 0.33 -0.39
N GLY A 113 -0.87 -0.40 -0.09
CA GLY A 113 0.27 -0.40 -0.97
C GLY A 113 1.43 -1.20 -0.44
N SER A 114 2.37 -1.50 -1.33
CA SER A 114 3.64 -2.12 -0.97
C SER A 114 4.51 -1.00 -0.54
N HIS A 115 5.64 -1.29 0.07
CA HIS A 115 6.58 -0.21 0.30
C HIS A 115 8.02 -0.66 0.11
N VAL A 116 8.91 0.33 0.07
CA VAL A 116 10.30 0.12 -0.29
C VAL A 116 11.12 1.29 0.19
N GLY A 117 12.28 0.99 0.77
CA GLY A 117 13.18 2.02 1.23
C GLY A 117 14.11 2.45 0.10
N VAL A 118 14.58 3.70 0.17
CA VAL A 118 15.60 4.20 -0.73
C VAL A 118 16.46 5.16 0.10
N SER A 119 17.75 4.88 0.17
CA SER A 119 18.65 5.64 1.02
C SER A 119 19.18 6.97 0.59
N TRP A 120 19.87 7.62 1.50
CA TRP A 120 20.45 8.91 1.24
C TRP A 120 21.47 8.77 0.14
N GLU A 121 21.97 7.55 -0.02
CA GLU A 121 22.94 7.26 -1.06
C GLU A 121 22.22 6.71 -2.27
N GLY A 122 20.92 6.97 -2.33
CA GLY A 122 20.12 6.56 -3.48
C GLY A 122 20.00 5.06 -3.72
N LYS A 123 20.08 4.27 -2.66
CA LYS A 123 20.00 2.81 -2.80
C LYS A 123 18.61 2.29 -2.46
N TRP A 124 18.03 1.50 -3.36
CA TRP A 124 16.70 0.91 -3.15
C TRP A 124 16.74 -0.35 -2.29
N GLY A 125 15.64 -0.62 -1.58
CA GLY A 125 15.53 -1.83 -0.79
C GLY A 125 16.00 -1.62 0.63
N THR A 126 16.47 -0.43 0.93
CA THR A 126 16.97 -0.12 2.27
C THR A 126 16.71 1.34 2.63
N VAL A 127 16.76 1.63 3.93
CA VAL A 127 16.75 3.01 4.42
C VAL A 127 17.12 3.02 5.90
N ALA A 128 17.73 4.11 6.36
CA ALA A 128 18.19 4.20 7.75
C ALA A 128 17.02 4.24 8.72
N GLY A 136 19.03 -1.18 7.30
CA GLY A 136 18.36 -2.47 7.21
C GLY A 136 17.50 -2.61 5.96
N ALA A 137 17.04 -3.82 5.69
CA ALA A 137 16.17 -4.08 4.55
C ALA A 137 14.75 -3.53 4.73
N CYS A 138 14.21 -2.96 3.66
CA CYS A 138 12.89 -2.32 3.66
C CYS A 138 12.36 -2.35 2.21
N CYS A 139 11.34 -3.15 1.94
CA CYS A 139 10.57 -3.94 2.93
C CYS A 139 11.25 -5.24 3.36
N GLY A 140 11.55 -5.37 4.65
CA GLY A 140 12.15 -6.59 5.20
C GLY A 140 11.38 -7.86 4.89
N SER A 141 10.07 -7.85 5.11
CA SER A 141 9.25 -9.03 4.90
C SER A 141 9.12 -9.40 3.41
N ALA A 142 8.93 -8.40 2.55
CA ALA A 142 8.87 -8.67 1.12
C ALA A 142 10.18 -9.26 0.59
N VAL A 143 11.29 -8.63 0.97
CA VAL A 143 12.63 -9.05 0.58
C VAL A 143 12.89 -10.50 0.98
N ALA A 144 12.63 -10.80 2.25
CA ALA A 144 12.74 -12.14 2.77
C ALA A 144 12.01 -13.15 1.89
N ALA A 145 10.75 -12.88 1.59
CA ALA A 145 9.95 -13.79 0.79
C ALA A 145 10.44 -13.80 -0.65
N ALA A 146 11.05 -12.70 -1.09
CA ALA A 146 11.60 -12.64 -2.44
C ALA A 146 12.71 -13.67 -2.62
N GLN A 147 13.63 -13.73 -1.65
CA GLN A 147 14.75 -14.67 -1.70
C GLN A 147 14.27 -16.11 -1.61
N ALA A 148 13.20 -16.33 -0.85
CA ALA A 148 12.64 -17.66 -0.68
C ALA A 148 11.96 -18.18 -1.93
N VAL A 149 11.38 -17.30 -2.74
CA VAL A 149 10.63 -17.78 -3.92
C VAL A 149 11.51 -17.85 -5.15
N THR A 150 12.53 -17.02 -5.18
CA THR A 150 13.41 -17.04 -6.30
C THR A 150 14.34 -18.23 -6.10
N GLN A 151 14.98 -18.34 -4.96
CA GLN A 151 15.86 -19.44 -4.69
C GLN A 151 15.21 -20.77 -5.01
N ALA A 152 13.93 -20.91 -4.73
CA ALA A 152 13.23 -22.14 -5.02
C ALA A 152 12.69 -22.10 -6.40
N TYR A 153 13.16 -21.16 -7.20
CA TYR A 153 12.73 -21.06 -8.58
C TYR A 153 13.73 -21.90 -9.30
N GLN A 154 14.96 -21.87 -8.81
CA GLN A 154 16.01 -22.67 -9.44
C GLN A 154 16.14 -24.05 -8.81
N ASP A 179 2.75 -23.05 9.53
CA ASP A 179 3.57 -22.37 10.52
C ASP A 179 2.83 -21.33 11.29
N PRO A 180 2.14 -21.80 12.39
CA PRO A 180 1.38 -20.78 13.12
C PRO A 180 2.23 -19.77 13.86
N LEU A 181 3.53 -19.97 13.92
CA LEU A 181 4.43 -18.99 14.54
C LEU A 181 4.99 -17.97 13.55
N ASP A 182 4.77 -18.19 12.26
CA ASP A 182 5.13 -17.23 11.21
C ASP A 182 4.13 -17.36 10.08
N ALA A 183 2.86 -17.39 10.47
CA ALA A 183 1.75 -17.71 9.60
C ALA A 183 1.58 -16.72 8.46
N GLN A 184 1.79 -15.44 8.76
CA GLN A 184 1.59 -14.41 7.75
C GLN A 184 2.74 -14.28 6.77
N GLN A 185 3.97 -14.40 7.28
CA GLN A 185 5.15 -14.37 6.39
C GLN A 185 5.01 -15.44 5.33
N GLY A 186 4.43 -16.57 5.71
CA GLY A 186 4.17 -17.63 4.76
C GLY A 186 3.10 -17.23 3.76
N TYR A 187 2.17 -16.38 4.18
CA TYR A 187 1.14 -15.95 3.25
C TYR A 187 1.73 -14.94 2.27
N VAL A 188 2.66 -14.12 2.75
CA VAL A 188 3.36 -13.23 1.85
C VAL A 188 4.08 -14.05 0.79
N ARG A 189 4.81 -15.07 1.18
CA ARG A 189 5.52 -15.92 0.24
C ARG A 189 4.56 -16.44 -0.81
N ASP A 190 3.44 -16.98 -0.39
CA ASP A 190 2.45 -17.48 -1.33
C ASP A 190 2.03 -16.43 -2.38
N MET A 191 1.80 -15.19 -1.96
CA MET A 191 1.41 -14.13 -2.90
C MET A 191 2.53 -13.78 -3.88
N LEU A 192 3.77 -14.05 -3.50
CA LEU A 192 4.91 -13.65 -4.32
C LEU A 192 5.42 -14.75 -5.24
N ARG A 193 4.92 -15.95 -5.03
CA ARG A 193 5.31 -17.12 -5.80
C ARG A 193 5.13 -16.91 -7.32
N PRO A 194 3.96 -16.40 -7.76
CA PRO A 194 3.78 -16.16 -9.19
C PRO A 194 4.68 -15.10 -9.80
N TYR A 195 5.43 -14.40 -8.98
CA TYR A 195 6.25 -13.30 -9.46
C TYR A 195 7.72 -13.71 -9.50
N ALA A 196 8.01 -14.94 -9.15
CA ALA A 196 9.37 -15.41 -9.07
C ALA A 196 10.20 -15.21 -10.31
N ALA A 197 9.67 -15.63 -11.44
CA ALA A 197 10.39 -15.48 -12.69
C ALA A 197 10.79 -14.03 -12.90
N THR A 198 9.82 -13.16 -12.74
CA THR A 198 10.03 -11.75 -12.89
C THR A 198 11.11 -11.23 -11.96
N LEU A 199 11.18 -11.76 -10.76
CA LEU A 199 12.16 -11.30 -9.80
C LEU A 199 13.56 -11.73 -10.13
N SER A 200 13.73 -12.86 -10.81
CA SER A 200 15.06 -13.30 -11.18
C SER A 200 15.40 -12.60 -12.47
N GLU A 201 14.42 -12.51 -13.35
CA GLU A 201 14.65 -11.86 -14.64
C GLU A 201 14.86 -10.35 -14.48
N ALA A 202 14.40 -9.79 -13.36
CA ALA A 202 14.41 -8.34 -13.12
C ALA A 202 15.78 -7.69 -13.30
N GLU A 203 15.78 -6.50 -13.87
CA GLU A 203 16.98 -5.68 -14.00
C GLU A 203 17.51 -5.30 -12.62
N ASP A 204 16.75 -4.46 -11.93
CA ASP A 204 16.98 -4.14 -10.50
C ASP A 204 15.86 -4.79 -9.70
N VAL A 205 16.22 -5.68 -8.81
CA VAL A 205 15.24 -6.40 -8.02
C VAL A 205 14.60 -5.60 -6.89
N MET A 206 15.33 -4.74 -6.24
CA MET A 206 14.77 -3.95 -5.17
C MET A 206 13.84 -2.84 -5.66
N VAL A 207 13.55 -2.84 -6.96
CA VAL A 207 12.67 -1.86 -7.57
C VAL A 207 11.49 -2.64 -8.14
N THR A 208 11.80 -3.74 -8.76
CA THR A 208 10.76 -4.63 -9.28
C THR A 208 9.95 -5.29 -8.15
N LEU A 209 10.58 -5.48 -7.00
CA LEU A 209 9.94 -6.15 -5.87
C LEU A 209 8.65 -5.42 -5.40
N PRO A 210 8.75 -4.12 -5.04
CA PRO A 210 7.51 -3.48 -4.57
C PRO A 210 6.48 -3.35 -5.67
N VAL A 211 6.93 -3.30 -6.93
CA VAL A 211 6.01 -3.33 -8.04
C VAL A 211 5.26 -4.65 -8.00
N SER A 212 5.99 -5.74 -7.83
CA SER A 212 5.37 -7.06 -7.84
C SER A 212 4.45 -7.24 -6.63
N VAL A 213 4.82 -6.63 -5.52
CA VAL A 213 4.04 -6.76 -4.30
C VAL A 213 2.75 -5.95 -4.41
N TYR A 214 2.82 -4.76 -4.99
CA TYR A 214 1.60 -4.01 -5.21
C TYR A 214 0.67 -4.77 -6.13
N ASP A 215 1.23 -5.30 -7.20
CA ASP A 215 0.42 -6.05 -8.16
C ASP A 215 -0.37 -7.14 -7.44
N ALA A 216 0.30 -8.01 -6.68
CA ALA A 216 -0.36 -9.06 -5.91
C ALA A 216 -1.35 -8.53 -4.88
N GLN A 217 -1.03 -7.40 -4.26
CA GLN A 217 -1.96 -6.77 -3.32
C GLN A 217 -3.21 -6.33 -4.04
N GLN A 218 -3.03 -5.65 -5.17
CA GLN A 218 -4.13 -5.10 -5.96
C GLN A 218 -5.13 -6.18 -6.30
N LYS A 219 -4.64 -7.30 -6.80
CA LYS A 219 -5.53 -8.39 -7.20
C LYS A 219 -6.30 -8.88 -6.00
N LEU A 220 -5.63 -8.95 -4.84
CA LEU A 220 -6.25 -9.49 -3.64
C LEU A 220 -7.35 -8.53 -3.15
N VAL A 221 -6.99 -7.26 -3.00
CA VAL A 221 -7.94 -6.24 -2.56
C VAL A 221 -9.19 -6.20 -3.40
N THR A 222 -9.01 -6.14 -4.72
CA THR A 222 -10.11 -6.22 -5.67
C THR A 222 -10.99 -7.45 -5.42
N ARG A 223 -10.35 -8.63 -5.39
CA ARG A 223 -11.07 -9.86 -5.08
C ARG A 223 -11.87 -9.79 -3.78
N ILE A 224 -11.28 -9.15 -2.77
CA ILE A 224 -11.95 -9.02 -1.48
C ILE A 224 -13.12 -8.05 -1.56
N LEU A 225 -12.88 -6.86 -2.08
CA LEU A 225 -13.98 -5.91 -2.24
C LEU A 225 -15.15 -6.50 -3.06
N ASP A 226 -14.86 -7.18 -4.15
CA ASP A 226 -15.88 -7.77 -4.97
C ASP A 226 -16.79 -8.75 -4.22
N GLU A 227 -16.26 -9.48 -3.27
CA GLU A 227 -17.08 -10.40 -2.52
C GLU A 227 -17.93 -9.63 -1.55
N GLY A 228 -17.31 -8.81 -0.72
CA GLY A 228 -18.03 -8.00 0.23
C GLY A 228 -18.92 -6.97 -0.44
N GLN A 237 -20.50 3.52 -0.02
CA GLN A 237 -19.34 3.94 -0.80
C GLN A 237 -18.01 3.57 -0.14
N ILE A 238 -17.07 3.05 -0.92
CA ILE A 238 -15.70 2.92 -0.44
C ILE A 238 -14.73 3.39 -1.51
N ALA A 239 -13.82 4.28 -1.13
CA ALA A 239 -12.82 4.80 -2.05
C ALA A 239 -11.49 4.07 -1.85
N VAL A 240 -10.76 3.88 -2.93
CA VAL A 240 -9.58 3.00 -2.87
C VAL A 240 -8.35 3.68 -3.47
N VAL A 241 -7.32 3.88 -2.66
CA VAL A 241 -6.01 4.33 -3.17
C VAL A 241 -5.00 3.21 -3.06
N GLY A 242 -4.38 2.86 -4.19
CA GLY A 242 -3.43 1.77 -4.21
C GLY A 242 -2.17 2.15 -4.96
N GLY A 243 -1.04 1.72 -4.44
CA GLY A 243 0.19 1.91 -5.20
C GLY A 243 1.41 1.55 -4.40
N ILE A 244 2.49 2.27 -4.64
CA ILE A 244 3.79 1.93 -4.09
C ILE A 244 4.25 3.03 -3.18
N GLN A 245 4.45 2.69 -1.91
CA GLN A 245 4.99 3.65 -0.95
C GLN A 245 6.52 3.65 -0.91
N ILE A 246 7.09 4.85 -0.86
CA ILE A 246 8.51 4.99 -1.00
C ILE A 246 9.05 5.71 0.21
N ASN A 247 9.79 4.96 1.02
CA ASN A 247 10.31 5.50 2.26
C ASN A 247 11.73 6.04 2.07
N THR A 248 11.86 7.34 2.37
CA THR A 248 13.12 8.07 2.19
C THR A 248 13.66 8.44 3.56
N PRO A 249 14.96 8.82 3.62
CA PRO A 249 15.60 9.32 4.84
C PRO A 249 14.73 10.25 5.68
N LYS A 250 14.99 10.27 6.98
CA LYS A 250 14.17 10.98 7.96
C LYS A 250 13.87 12.43 7.58
N GLU A 251 14.90 13.19 7.23
CA GLU A 251 14.76 14.63 6.99
C GLU A 251 14.16 14.94 5.61
N MET A 252 13.60 13.90 5.00
CA MET A 252 13.16 13.97 3.62
C MET A 252 11.74 13.41 3.47
N SER A 253 10.93 14.08 2.66
CA SER A 253 9.56 13.63 2.40
C SER A 253 9.55 12.25 1.77
N ASP A 254 8.55 11.45 2.10
CA ASP A 254 8.38 10.14 1.52
C ASP A 254 7.58 10.33 0.26
N PHE A 255 7.41 9.27 -0.50
CA PHE A 255 6.71 9.37 -1.77
C PHE A 255 5.71 8.24 -1.95
N PHE A 256 4.76 8.48 -2.82
CA PHE A 256 3.78 7.45 -3.12
C PHE A 256 3.52 7.48 -4.62
N VAL A 257 3.53 6.29 -5.22
CA VAL A 257 3.25 6.12 -6.62
C VAL A 257 1.83 5.62 -6.71
N VAL A 258 0.93 6.45 -7.22
CA VAL A 258 -0.48 6.10 -7.33
C VAL A 258 -0.68 5.19 -8.53
N ARG A 259 -1.43 4.11 -8.36
CA ARG A 259 -1.58 3.17 -9.43
C ARG A 259 -3.05 2.81 -9.55
N ARG A 260 -3.83 3.22 -8.56
CA ARG A 260 -5.25 2.93 -8.56
C ARG A 260 -5.94 3.89 -7.64
N PHE A 261 -6.90 4.61 -8.19
CA PHE A 261 -7.67 5.57 -7.42
C PHE A 261 -9.10 5.56 -7.96
N CYS A 262 -10.01 4.99 -7.19
CA CYS A 262 -11.36 4.76 -7.66
C CYS A 262 -12.37 4.79 -6.53
N ILE A 263 -13.65 4.82 -6.87
CA ILE A 263 -14.70 4.77 -5.86
C ILE A 263 -15.64 3.65 -6.22
N ARG A 264 -16.02 2.88 -5.21
CA ARG A 264 -16.92 1.76 -5.42
C ARG A 264 -18.15 1.97 -4.56
N ASP A 265 -19.21 1.21 -4.84
CA ASP A 265 -20.47 1.33 -4.11
C ASP A 265 -20.67 0.14 -3.18
N SER A 266 -21.74 0.21 -2.37
CA SER A 266 -22.11 -0.88 -1.48
C SER A 266 -22.49 -2.10 -2.31
N SER A 267 -22.94 -1.85 -3.53
CA SER A 267 -23.26 -2.91 -4.48
C SER A 267 -21.99 -3.70 -4.78
N GLY A 268 -21.01 -3.00 -5.35
CA GLY A 268 -19.73 -3.60 -5.64
C GLY A 268 -19.14 -3.14 -6.95
N ASN A 269 -19.81 -2.24 -7.65
CA ASN A 269 -19.29 -1.78 -8.92
C ASN A 269 -18.55 -0.48 -8.80
N MET A 270 -17.64 -0.23 -9.75
CA MET A 270 -16.86 0.97 -9.76
C MET A 270 -17.64 2.16 -10.22
N VAL A 271 -17.93 3.06 -9.30
CA VAL A 271 -18.68 4.25 -9.55
C VAL A 271 -17.81 5.26 -10.23
N GLU A 272 -16.54 5.29 -9.87
CA GLU A 272 -15.64 6.26 -10.46
C GLU A 272 -14.25 5.73 -10.58
N ASN A 273 -13.49 6.28 -11.51
CA ASN A 273 -12.13 5.89 -11.68
C ASN A 273 -11.35 7.11 -12.02
N PHE A 274 -10.51 7.53 -11.12
CA PHE A 274 -9.76 8.75 -11.30
C PHE A 274 -8.41 8.48 -11.92
N MET A 275 -8.28 7.34 -12.57
CA MET A 275 -7.06 7.01 -13.27
C MET A 275 -7.32 6.95 -14.77
ZN ZN B . 7.79 -3.71 5.19
CL CL C . 19.42 6.28 4.68
#